data_3D1R
#
_entry.id   3D1R
#
_cell.length_a   91.296
_cell.length_b   91.296
_cell.length_c   84.913
_cell.angle_alpha   90.00
_cell.angle_beta   90.00
_cell.angle_gamma   90.00
#
_symmetry.space_group_name_H-M   'P 4 2 2'
#
loop_
_entity.id
_entity.type
_entity.pdbx_description
1 polymer 'Fructose-1,6-bisphosphatase class II glpX'
2 non-polymer 1,6-di-O-phosphono-beta-D-fructofuranose
3 non-polymer 'CALCIUM ION'
4 non-polymer 'MAGNESIUM ION'
5 non-polymer 'CHLORIDE ION'
6 water water
#
_entity_poly.entity_id   1
_entity_poly.type   'polypeptide(L)'
_entity_poly.pdbx_seq_one_letter_code
;GMRRELAIEFSRVTESAALAGYKWLGRGDKNTADGAAVNAMRIMLNQVNIDGTIVIGEGEIAEAPMLYIGEKVGTGRGDA
VDIAVDPIEGTRMTAMGQANALAVLAVGDKGCFLNAPDMYMEKLIVGPGAKGTIDLNLPLADNLRNVAAALGKPLSELTV
TILAKPRHDAVIAEMQQLGVRVFAIPDGDVAASILTCMPDSEVDVLYGIGGAPEGVVSAAVIRALDGDMNGRLLARHDVK
GDNEENRRIGEQELARCKAMGIEAGKVLRLGDMARSDNVIFSATGITKGDLLEGISRKGNIATTETLLIRGKSRTIRRIQ
SIHYLDRKDPEMQVHIL
;
_entity_poly.pdbx_strand_id   A
#
loop_
_chem_comp.id
_chem_comp.type
_chem_comp.name
_chem_comp.formula
CA non-polymer 'CALCIUM ION' 'Ca 2'
CL non-polymer 'CHLORIDE ION' 'Cl -1'
FBP D-saccharide, beta linking 1,6-di-O-phosphono-beta-D-fructofuranose 'C6 H14 O12 P2'
MG non-polymer 'MAGNESIUM ION' 'Mg 2'
#
# COMPACT_ATOMS: atom_id res chain seq x y z
N MET A 2 24.65 1.87 0.23
CA MET A 2 23.72 2.66 -0.60
C MET A 2 23.65 1.89 -1.92
N ARG A 3 22.44 1.63 -2.39
CA ARG A 3 21.24 1.99 -1.64
C ARG A 3 20.92 1.13 -0.42
N ARG A 4 21.60 -0.01 -0.26
CA ARG A 4 21.30 -0.80 0.95
C ARG A 4 21.67 -0.05 2.24
N GLU A 5 22.71 0.80 2.16
CA GLU A 5 23.10 1.68 3.28
C GLU A 5 21.99 2.67 3.68
N LEU A 6 21.03 2.90 2.79
CA LEU A 6 19.93 3.86 3.08
C LEU A 6 18.72 3.21 3.75
N ALA A 7 18.72 1.88 3.86
CA ALA A 7 17.57 1.17 4.44
C ALA A 7 17.18 1.72 5.83
N ILE A 8 18.19 1.93 6.67
CA ILE A 8 17.98 2.51 7.96
C ILE A 8 17.47 3.96 7.90
N GLU A 9 17.98 4.72 6.95
CA GLU A 9 17.50 6.09 6.77
C GLU A 9 16.02 6.09 6.46
N PHE A 10 15.61 5.17 5.57
CA PHE A 10 14.19 5.08 5.20
C PHE A 10 13.31 4.65 6.37
N SER A 11 13.83 3.76 7.22
CA SER A 11 13.04 3.39 8.40
C SER A 11 12.83 4.59 9.35
N ARG A 12 13.81 5.50 9.42
CA ARG A 12 13.67 6.69 10.27
C ARG A 12 12.57 7.60 9.72
N VAL A 13 12.40 7.60 8.40
CA VAL A 13 11.37 8.43 7.77
C VAL A 13 9.95 7.96 8.18
N THR A 14 9.72 6.64 8.14
CA THR A 14 8.41 6.13 8.57
C THR A 14 8.22 6.25 10.11
N GLU A 15 9.30 6.10 10.89
CA GLU A 15 9.21 6.27 12.37
C GLU A 15 8.78 7.69 12.70
N SER A 16 9.37 8.67 12.02
CA SER A 16 8.99 10.08 12.20
CA SER A 16 8.99 10.08 12.23
C SER A 16 7.54 10.37 11.87
N ALA A 17 7.10 9.86 10.71
CA ALA A 17 5.75 10.06 10.20
C ALA A 17 4.76 9.43 11.21
N ALA A 18 5.06 8.22 11.67
CA ALA A 18 4.17 7.53 12.59
C ALA A 18 4.05 8.26 13.91
N LEU A 19 5.18 8.73 14.42
CA LEU A 19 5.18 9.45 15.71
C LEU A 19 4.39 10.76 15.58
N ALA A 20 4.53 11.42 14.43
CA ALA A 20 3.77 12.65 14.17
C ALA A 20 2.27 12.39 14.09
N GLY A 21 1.86 11.32 13.42
CA GLY A 21 0.44 10.98 13.30
C GLY A 21 -0.12 10.55 14.64
N TYR A 22 0.71 9.87 15.42
CA TYR A 22 0.34 9.36 16.76
C TYR A 22 -0.10 10.51 17.67
N LYS A 23 0.53 11.69 17.52
CA LYS A 23 0.13 12.87 18.32
C LYS A 23 -1.36 13.22 18.16
N TRP A 24 -1.96 12.83 17.02
CA TRP A 24 -3.36 13.13 16.70
C TRP A 24 -4.30 11.93 16.83
N LEU A 25 -3.77 10.85 17.41
CA LEU A 25 -4.56 9.65 17.58
C LEU A 25 -5.75 9.93 18.52
N GLY A 26 -6.95 9.57 18.07
CA GLY A 26 -8.17 9.72 18.87
C GLY A 26 -8.65 11.16 18.95
N ARG A 27 -8.08 12.04 18.13
CA ARG A 27 -8.43 13.46 18.21
C ARG A 27 -9.50 13.93 17.22
N GLY A 28 -10.00 13.00 16.41
CA GLY A 28 -11.21 13.20 15.59
C GLY A 28 -10.98 14.08 14.38
N ASP A 29 -9.72 14.17 13.94
CA ASP A 29 -9.40 15.09 12.85
C ASP A 29 -8.49 14.40 11.88
N LYS A 30 -9.06 13.78 10.87
CA LYS A 30 -8.24 12.95 10.01
C LYS A 30 -7.28 13.77 9.14
N ASN A 31 -7.75 14.93 8.68
N ASN A 31 -7.72 14.94 8.68
CA ASN A 31 -6.93 15.86 7.90
CA ASN A 31 -6.85 15.80 7.86
C ASN A 31 -5.67 16.32 8.64
C ASN A 31 -5.67 16.40 8.62
N THR A 32 -5.85 16.74 9.89
CA THR A 32 -4.74 17.24 10.69
C THR A 32 -3.73 16.10 11.01
N ALA A 33 -4.24 14.90 11.29
CA ALA A 33 -3.38 13.74 11.55
C ALA A 33 -2.50 13.49 10.30
N ASP A 34 -3.16 13.43 9.15
CA ASP A 34 -2.47 13.17 7.88
C ASP A 34 -1.44 14.27 7.59
N GLY A 35 -1.83 15.52 7.77
CA GLY A 35 -0.93 16.68 7.54
C GLY A 35 0.33 16.60 8.40
N ALA A 36 0.17 16.18 9.65
CA ALA A 36 1.31 16.02 10.56
C ALA A 36 2.27 14.91 10.09
N ALA A 37 1.72 13.78 9.68
CA ALA A 37 2.53 12.70 9.18
C ALA A 37 3.21 13.08 7.83
N VAL A 38 2.47 13.77 6.98
CA VAL A 38 3.01 14.21 5.68
C VAL A 38 4.21 15.15 5.88
N ASN A 39 4.01 16.13 6.76
CA ASN A 39 5.07 17.08 7.14
C ASN A 39 6.32 16.38 7.69
N ALA A 40 6.13 15.50 8.66
CA ALA A 40 7.26 14.75 9.22
C ALA A 40 7.97 13.89 8.19
N MET A 41 7.18 13.20 7.34
CA MET A 41 7.81 12.38 6.31
C MET A 41 8.67 13.25 5.35
N ARG A 42 8.12 14.38 4.93
CA ARG A 42 8.85 15.27 3.96
C ARG A 42 10.12 15.81 4.57
N ILE A 43 10.04 16.28 5.82
CA ILE A 43 11.20 16.82 6.58
C ILE A 43 12.31 15.78 6.60
N MET A 44 11.93 14.56 6.99
CA MET A 44 12.95 13.49 7.06
C MET A 44 13.49 13.10 5.67
N LEU A 45 12.61 12.91 4.69
CA LEU A 45 13.09 12.57 3.36
C LEU A 45 14.08 13.62 2.83
N ASN A 46 13.83 14.88 3.15
CA ASN A 46 14.69 15.98 2.67
C ASN A 46 16.07 16.03 3.29
N GLN A 47 16.31 15.19 4.31
CA GLN A 47 17.65 15.00 4.86
C GLN A 47 18.36 13.69 4.43
N VAL A 48 17.72 12.92 3.55
CA VAL A 48 18.28 11.66 3.08
C VAL A 48 19.04 11.92 1.79
N ASN A 49 20.18 11.24 1.63
CA ASN A 49 20.99 11.41 0.42
C ASN A 49 20.46 10.60 -0.75
N ILE A 50 19.38 11.08 -1.33
CA ILE A 50 18.82 10.59 -2.58
C ILE A 50 18.43 11.78 -3.40
N ASP A 51 18.23 11.56 -4.69
CA ASP A 51 17.57 12.56 -5.54
C ASP A 51 16.19 11.94 -5.87
N GLY A 52 15.25 12.12 -4.95
CA GLY A 52 13.97 11.46 -5.05
C GLY A 52 12.93 12.28 -5.78
N THR A 53 12.07 11.58 -6.53
CA THR A 53 10.84 12.16 -7.10
C THR A 53 9.62 11.47 -6.54
N ILE A 54 8.68 12.24 -6.02
CA ILE A 54 7.44 11.66 -5.53
C ILE A 54 6.61 11.18 -6.73
N VAL A 55 6.36 9.88 -6.80
CA VAL A 55 5.54 9.36 -7.91
C VAL A 55 4.17 8.91 -7.48
N ILE A 56 4.07 8.56 -6.21
CA ILE A 56 2.80 8.24 -5.54
C ILE A 56 2.79 9.09 -4.27
N GLY A 57 1.74 9.86 -4.08
CA GLY A 57 1.76 10.80 -2.97
C GLY A 57 0.39 11.40 -2.66
N GLU A 58 0.41 12.62 -2.17
CA GLU A 58 -0.79 13.22 -1.57
C GLU A 58 -1.74 13.83 -2.59
N GLY A 59 -1.23 14.16 -3.78
CA GLY A 59 -2.08 14.67 -4.85
C GLY A 59 -1.25 15.47 -5.84
N GLU A 60 -1.91 16.13 -6.78
CA GLU A 60 -1.18 16.99 -7.71
C GLU A 60 -0.79 18.26 -6.96
N ILE A 61 0.25 18.92 -7.46
CA ILE A 61 0.72 20.20 -6.93
C ILE A 61 -0.44 21.14 -6.56
N ALA A 62 -1.46 21.21 -7.42
CA ALA A 62 -2.63 22.06 -7.19
C ALA A 62 -3.38 21.77 -5.87
N GLU A 63 -3.57 20.50 -5.50
CA GLU A 63 -4.35 20.18 -4.29
C GLU A 63 -3.50 19.80 -3.08
N ALA A 64 -2.23 19.49 -3.31
CA ALA A 64 -1.34 19.00 -2.24
C ALA A 64 -0.07 19.85 -2.16
N PRO A 65 0.04 20.71 -1.14
CA PRO A 65 1.25 21.54 -0.96
C PRO A 65 2.51 20.73 -0.62
N MET A 66 2.32 19.55 -0.06
CA MET A 66 3.45 18.74 0.38
C MET A 66 3.32 17.32 -0.13
N LEU A 67 4.44 16.75 -0.55
CA LEU A 67 4.49 15.38 -1.15
C LEU A 67 3.49 15.21 -2.31
N TYR A 68 3.49 16.22 -3.18
CA TYR A 68 2.67 16.22 -4.39
C TYR A 68 3.39 15.42 -5.46
N ILE A 69 2.65 14.90 -6.43
N ILE A 69 2.64 14.98 -6.46
CA ILE A 69 3.27 14.09 -7.48
CA ILE A 69 3.18 14.23 -7.59
C ILE A 69 4.21 14.96 -8.32
C ILE A 69 4.24 15.05 -8.30
N GLY A 70 5.44 14.49 -8.44
CA GLY A 70 6.54 15.20 -9.11
C GLY A 70 7.44 16.01 -8.18
N GLU A 71 7.05 16.13 -6.90
CA GLU A 71 7.90 16.85 -5.96
C GLU A 71 9.28 16.23 -5.84
N LYS A 72 10.32 17.06 -5.84
CA LYS A 72 11.68 16.57 -5.62
C LYS A 72 11.94 16.58 -4.13
N VAL A 73 12.47 15.45 -3.64
CA VAL A 73 12.78 15.30 -2.22
C VAL A 73 14.20 14.73 -2.07
N GLY A 74 14.80 14.95 -0.91
CA GLY A 74 16.18 14.49 -0.66
C GLY A 74 17.18 15.62 -0.73
N THR A 75 18.41 15.35 -0.29
CA THR A 75 19.50 16.31 -0.39
C THR A 75 19.95 16.46 -1.86
N GLY A 76 19.47 15.57 -2.74
CA GLY A 76 19.94 15.52 -4.13
C GLY A 76 21.26 14.79 -4.34
N ARG A 77 21.92 14.41 -3.25
CA ARG A 77 23.12 13.58 -3.37
C ARG A 77 22.62 12.14 -3.62
N GLY A 78 23.45 11.25 -4.08
CA GLY A 78 22.97 9.89 -4.37
C GLY A 78 22.18 9.71 -5.66
N ASP A 79 21.53 8.57 -5.75
CA ASP A 79 20.82 8.12 -6.94
C ASP A 79 19.48 8.84 -7.14
N ALA A 80 19.11 9.00 -8.42
CA ALA A 80 17.71 9.33 -8.80
C ALA A 80 16.87 8.12 -8.49
N VAL A 81 15.86 8.31 -7.65
CA VAL A 81 14.99 7.22 -7.27
C VAL A 81 13.55 7.67 -7.32
N ASP A 82 12.65 6.73 -7.53
CA ASP A 82 11.27 7.07 -7.36
C ASP A 82 10.72 6.71 -6.00
N ILE A 83 9.78 7.53 -5.56
CA ILE A 83 9.33 7.46 -4.16
C ILE A 83 7.82 7.39 -4.09
N ALA A 84 7.34 6.42 -3.30
CA ALA A 84 5.91 6.28 -3.07
C ALA A 84 5.67 6.45 -1.58
N VAL A 85 4.79 7.38 -1.24
CA VAL A 85 4.49 7.65 0.18
C VAL A 85 3.02 7.45 0.47
N ASP A 86 2.74 6.91 1.66
CA ASP A 86 1.39 6.90 2.22
C ASP A 86 1.62 7.23 3.69
N PRO A 87 1.80 8.56 4.00
CA PRO A 87 2.29 8.91 5.36
C PRO A 87 1.38 8.37 6.47
N ILE A 88 0.06 8.32 6.24
CA ILE A 88 -0.77 7.45 7.08
C ILE A 88 -1.69 6.61 6.22
N GLU A 89 -1.60 5.29 6.35
CA GLU A 89 -2.61 4.35 5.83
C GLU A 89 -3.54 4.07 7.00
N GLY A 90 -4.77 4.56 6.93
CA GLY A 90 -5.70 4.48 8.06
C GLY A 90 -5.90 5.83 8.73
N THR A 91 -6.18 6.87 7.95
CA THR A 91 -6.33 8.22 8.53
C THR A 91 -7.58 8.30 9.40
N ARG A 92 -8.69 7.79 8.89
CA ARG A 92 -9.91 7.74 9.71
C ARG A 92 -9.65 6.90 10.96
N MET A 93 -9.04 5.72 10.78
CA MET A 93 -8.68 4.88 11.94
C MET A 93 -7.83 5.66 12.96
N THR A 94 -6.87 6.46 12.48
CA THR A 94 -6.09 7.31 13.39
C THR A 94 -6.99 8.32 14.12
N ALA A 95 -7.83 9.05 13.38
CA ALA A 95 -8.76 10.04 13.98
C ALA A 95 -9.64 9.41 15.05
N MET A 96 -10.03 8.17 14.80
CA MET A 96 -10.99 7.49 15.67
C MET A 96 -10.30 6.64 16.76
N GLY A 97 -8.97 6.68 16.82
CA GLY A 97 -8.22 5.85 17.80
C GLY A 97 -8.38 4.34 17.63
N GLN A 98 -8.45 3.90 16.38
CA GLN A 98 -8.67 2.50 16.04
C GLN A 98 -7.40 1.78 15.58
N ALA A 99 -7.49 0.44 15.50
CA ALA A 99 -6.39 -0.42 15.08
C ALA A 99 -5.96 -0.26 13.62
N ASN A 100 -4.75 -0.73 13.34
CA ASN A 100 -4.24 -0.88 11.99
C ASN A 100 -3.88 0.39 11.21
N ALA A 101 -3.54 1.46 11.93
CA ALA A 101 -3.04 2.65 11.25
C ALA A 101 -1.50 2.49 11.20
N LEU A 102 -0.89 2.95 10.12
CA LEU A 102 0.57 2.81 9.95
C LEU A 102 1.02 3.83 8.91
N ALA A 103 2.32 4.10 8.93
CA ALA A 103 2.95 5.03 7.99
C ALA A 103 3.78 4.22 6.97
N VAL A 104 3.73 4.58 5.68
CA VAL A 104 4.27 3.68 4.64
C VAL A 104 5.14 4.46 3.64
N LEU A 105 6.25 3.88 3.22
CA LEU A 105 7.16 4.48 2.22
C LEU A 105 7.71 3.37 1.36
N ALA A 106 7.84 3.59 0.05
CA ALA A 106 8.57 2.64 -0.78
C ALA A 106 9.51 3.43 -1.66
N VAL A 107 10.68 2.90 -1.91
CA VAL A 107 11.68 3.62 -2.69
C VAL A 107 12.19 2.65 -3.73
N GLY A 108 12.24 3.07 -5.00
CA GLY A 108 12.77 2.18 -6.02
C GLY A 108 13.61 2.88 -7.09
N ASP A 109 14.14 2.09 -8.02
CA ASP A 109 14.86 2.71 -9.15
C ASP A 109 13.98 3.73 -9.85
N LYS A 110 14.60 4.71 -10.50
CA LYS A 110 13.88 5.65 -11.34
C LYS A 110 13.01 4.82 -12.31
N GLY A 111 11.72 5.14 -12.38
CA GLY A 111 10.81 4.49 -13.33
C GLY A 111 10.29 3.12 -12.89
N CYS A 112 10.54 2.73 -11.63
N CYS A 112 10.55 2.75 -11.65
CA CYS A 112 10.17 1.39 -11.18
CA CYS A 112 10.18 1.43 -11.15
C CYS A 112 8.72 1.24 -10.70
C CYS A 112 8.66 1.29 -10.98
N PHE A 113 8.01 2.35 -10.53
CA PHE A 113 6.62 2.31 -10.10
C PHE A 113 5.70 2.77 -11.23
N LEU A 114 4.65 1.99 -11.46
CA LEU A 114 3.60 2.43 -12.36
C LEU A 114 3.04 3.79 -11.94
N ASN A 115 3.15 4.65 -12.93
CA ASN A 115 2.54 5.94 -13.00
CA ASN A 115 2.51 5.93 -12.92
C ASN A 115 1.07 5.78 -13.41
N ALA A 116 0.14 5.94 -12.48
CA ALA A 116 -1.31 5.78 -12.75
C ALA A 116 -2.11 6.70 -11.83
N PRO A 117 -3.31 7.11 -12.27
CA PRO A 117 -4.11 8.11 -11.57
C PRO A 117 -4.55 7.70 -10.16
N ASP A 118 -5.00 8.65 -9.37
CA ASP A 118 -5.52 8.28 -8.07
C ASP A 118 -6.95 7.79 -8.25
N MET A 119 -7.09 6.57 -8.76
CA MET A 119 -8.41 6.03 -9.12
C MET A 119 -8.52 4.67 -8.44
N TYR A 120 -9.59 3.91 -8.68
CA TYR A 120 -9.68 2.57 -8.09
C TYR A 120 -8.93 1.53 -8.94
N MET A 121 -8.60 0.40 -8.31
CA MET A 121 -7.92 -0.75 -8.95
C MET A 121 -8.44 -2.04 -8.32
N GLU A 122 -8.91 -2.96 -9.15
CA GLU A 122 -9.24 -4.32 -8.68
C GLU A 122 -7.90 -5.03 -8.52
N LYS A 123 -7.73 -5.73 -7.39
CA LYS A 123 -6.46 -6.38 -7.01
C LYS A 123 -6.64 -7.84 -6.73
N LEU A 124 -5.64 -8.66 -7.10
CA LEU A 124 -5.63 -10.06 -6.68
C LEU A 124 -4.18 -10.36 -6.32
N ILE A 125 -3.95 -10.68 -5.05
CA ILE A 125 -2.58 -10.69 -4.51
C ILE A 125 -2.41 -11.98 -3.72
N VAL A 126 -1.28 -12.64 -3.92
CA VAL A 126 -0.98 -13.90 -3.23
C VAL A 126 0.50 -13.90 -2.83
N GLY A 127 0.85 -14.86 -1.99
CA GLY A 127 2.21 -15.00 -1.48
C GLY A 127 3.02 -15.92 -2.37
N PRO A 128 4.27 -16.13 -1.99
CA PRO A 128 5.23 -16.93 -2.75
C PRO A 128 4.75 -18.34 -3.12
N GLY A 129 4.00 -18.96 -2.21
CA GLY A 129 3.53 -20.34 -2.42
C GLY A 129 2.54 -20.46 -3.56
N ALA A 130 2.02 -19.33 -4.04
CA ALA A 130 1.04 -19.35 -5.14
C ALA A 130 1.45 -18.45 -6.30
N LYS A 131 2.71 -18.06 -6.33
CA LYS A 131 3.23 -17.24 -7.42
C LYS A 131 3.01 -17.99 -8.73
N GLY A 132 2.49 -17.30 -9.74
CA GLY A 132 2.28 -17.87 -11.08
C GLY A 132 0.94 -18.55 -11.27
N THR A 133 0.07 -18.49 -10.27
CA THR A 133 -1.19 -19.24 -10.34
C THR A 133 -2.41 -18.35 -10.50
N ILE A 134 -2.21 -17.03 -10.62
CA ILE A 134 -3.33 -16.11 -10.72
C ILE A 134 -3.40 -15.42 -12.08
N ASP A 135 -4.64 -15.08 -12.47
CA ASP A 135 -4.89 -14.32 -13.70
C ASP A 135 -6.27 -13.66 -13.59
N LEU A 136 -6.28 -12.33 -13.45
CA LEU A 136 -7.52 -11.57 -13.36
C LEU A 136 -8.42 -11.65 -14.59
N ASN A 137 -7.90 -12.15 -15.71
CA ASN A 137 -8.75 -12.44 -16.87
C ASN A 137 -9.62 -13.67 -16.66
N LEU A 138 -9.29 -14.47 -15.63
CA LEU A 138 -10.14 -15.60 -15.26
C LEU A 138 -11.17 -15.23 -14.20
N PRO A 139 -12.28 -15.98 -14.14
CA PRO A 139 -13.26 -15.84 -13.07
C PRO A 139 -12.62 -15.93 -11.70
N LEU A 140 -13.18 -15.16 -10.77
CA LEU A 140 -12.68 -15.18 -9.40
C LEU A 140 -12.65 -16.59 -8.85
N ALA A 141 -13.75 -17.34 -9.02
CA ALA A 141 -13.82 -18.70 -8.46
C ALA A 141 -12.70 -19.59 -9.00
N ASP A 142 -12.38 -19.46 -10.29
CA ASP A 142 -11.25 -20.18 -10.88
C ASP A 142 -9.91 -19.86 -10.20
N ASN A 143 -9.65 -18.55 -10.01
CA ASN A 143 -8.42 -18.12 -9.32
C ASN A 143 -8.32 -18.68 -7.93
N LEU A 144 -9.41 -18.59 -7.17
CA LEU A 144 -9.42 -19.08 -5.79
C LEU A 144 -9.13 -20.59 -5.74
N ARG A 145 -9.76 -21.35 -6.64
CA ARG A 145 -9.51 -22.78 -6.73
C ARG A 145 -8.04 -23.06 -7.06
N ASN A 146 -7.50 -22.31 -8.02
CA ASN A 146 -6.11 -22.49 -8.41
C ASN A 146 -5.13 -22.17 -7.29
N VAL A 147 -5.44 -21.11 -6.53
CA VAL A 147 -4.57 -20.71 -5.43
C VAL A 147 -4.58 -21.74 -4.29
N ALA A 148 -5.76 -22.25 -3.94
CA ALA A 148 -5.88 -23.29 -2.89
C ALA A 148 -5.09 -24.56 -3.23
N ALA A 149 -5.18 -24.96 -4.51
CA ALA A 149 -4.45 -26.14 -5.00
C ALA A 149 -2.94 -25.90 -4.90
N ALA A 150 -2.51 -24.71 -5.33
CA ALA A 150 -1.10 -24.32 -5.25
C ALA A 150 -0.61 -24.33 -3.81
N LEU A 151 -1.47 -23.90 -2.88
CA LEU A 151 -1.10 -23.88 -1.48
C LEU A 151 -1.31 -25.23 -0.79
N GLY A 152 -1.95 -26.17 -1.48
CA GLY A 152 -2.14 -27.53 -0.95
C GLY A 152 -3.12 -27.56 0.20
N LYS A 153 -4.16 -26.73 0.10
CA LYS A 153 -5.24 -26.72 1.10
C LYS A 153 -6.60 -26.83 0.41
N PRO A 154 -7.63 -27.38 1.11
CA PRO A 154 -8.95 -27.33 0.51
C PRO A 154 -9.43 -25.89 0.38
N LEU A 155 -10.29 -25.66 -0.60
CA LEU A 155 -10.91 -24.36 -0.83
C LEU A 155 -11.57 -23.80 0.44
N SER A 156 -12.24 -24.67 1.22
CA SER A 156 -12.94 -24.21 2.41
C SER A 156 -12.01 -23.63 3.48
N GLU A 157 -10.72 -23.91 3.33
CA GLU A 157 -9.71 -23.38 4.25
C GLU A 157 -8.98 -22.15 3.70
N LEU A 158 -9.26 -21.79 2.44
CA LEU A 158 -8.59 -20.63 1.81
C LEU A 158 -9.13 -19.39 2.48
N THR A 159 -8.24 -18.46 2.83
CA THR A 159 -8.66 -17.23 3.48
C THR A 159 -8.35 -16.02 2.61
N VAL A 160 -9.41 -15.31 2.25
CA VAL A 160 -9.29 -14.15 1.36
C VAL A 160 -9.62 -12.90 2.20
N THR A 161 -8.75 -11.89 2.13
CA THR A 161 -9.09 -10.63 2.78
C THR A 161 -9.55 -9.63 1.71
N ILE A 162 -10.40 -8.69 2.09
CA ILE A 162 -11.08 -7.80 1.13
C ILE A 162 -11.63 -6.64 1.93
N LEU A 163 -11.65 -5.43 1.34
CA LEU A 163 -12.23 -4.26 2.01
C LEU A 163 -13.75 -4.41 2.23
N ALA A 164 -14.19 -4.08 3.46
CA ALA A 164 -15.59 -4.13 3.84
C ALA A 164 -16.25 -2.85 3.39
N LYS A 165 -16.62 -2.84 2.11
CA LYS A 165 -17.22 -1.68 1.43
C LYS A 165 -18.44 -2.18 0.64
N PRO A 166 -19.47 -1.32 0.47
CA PRO A 166 -20.68 -1.73 -0.26
C PRO A 166 -20.41 -2.34 -1.65
N ARG A 167 -19.40 -1.84 -2.36
CA ARG A 167 -19.02 -2.38 -3.69
C ARG A 167 -18.70 -3.87 -3.69
N HIS A 168 -18.37 -4.39 -2.51
CA HIS A 168 -17.95 -5.78 -2.39
C HIS A 168 -19.04 -6.75 -1.87
N ASP A 169 -20.27 -6.27 -1.69
CA ASP A 169 -21.34 -7.15 -1.15
C ASP A 169 -21.47 -8.46 -1.95
N ALA A 170 -21.58 -8.35 -3.27
CA ALA A 170 -21.84 -9.53 -4.11
C ALA A 170 -20.72 -10.52 -4.08
N VAL A 171 -19.50 -10.02 -4.25
CA VAL A 171 -18.33 -10.87 -4.31
C VAL A 171 -18.04 -11.53 -2.96
N ILE A 172 -18.31 -10.83 -1.86
CA ILE A 172 -18.15 -11.43 -0.54
C ILE A 172 -19.14 -12.61 -0.38
N ALA A 173 -20.39 -12.38 -0.78
CA ALA A 173 -21.42 -13.44 -0.74
C ALA A 173 -21.00 -14.61 -1.65
N GLU A 174 -20.48 -14.28 -2.84
CA GLU A 174 -20.04 -15.31 -3.79
C GLU A 174 -18.95 -16.19 -3.17
N MET A 175 -17.96 -15.54 -2.54
CA MET A 175 -16.88 -16.30 -1.92
C MET A 175 -17.39 -17.13 -0.75
N GLN A 176 -18.28 -16.60 0.06
CA GLN A 176 -18.77 -17.36 1.23
C GLN A 176 -19.56 -18.60 0.76
N GLN A 177 -20.33 -18.44 -0.30
CA GLN A 177 -21.04 -19.55 -0.93
C GLN A 177 -20.08 -20.57 -1.52
N LEU A 178 -18.94 -20.12 -2.06
CA LEU A 178 -17.90 -21.06 -2.46
C LEU A 178 -17.32 -21.82 -1.27
N GLY A 179 -17.53 -21.33 -0.05
CA GLY A 179 -16.99 -21.98 1.16
C GLY A 179 -15.64 -21.45 1.62
N VAL A 180 -15.17 -20.36 1.02
CA VAL A 180 -13.91 -19.75 1.50
C VAL A 180 -14.12 -18.86 2.74
N ARG A 181 -13.06 -18.65 3.52
CA ARG A 181 -13.13 -17.76 4.69
C ARG A 181 -12.79 -16.35 4.26
N VAL A 182 -13.65 -15.40 4.61
CA VAL A 182 -13.52 -14.03 4.12
C VAL A 182 -13.24 -13.11 5.31
N PHE A 183 -12.08 -12.46 5.29
CA PHE A 183 -11.72 -11.52 6.37
C PHE A 183 -11.95 -10.12 5.80
N ALA A 184 -13.10 -9.55 6.10
CA ALA A 184 -13.53 -8.30 5.47
C ALA A 184 -13.04 -7.18 6.38
N ILE A 185 -12.16 -6.33 5.86
CA ILE A 185 -11.49 -5.33 6.72
C ILE A 185 -12.00 -3.91 6.48
N PRO A 186 -12.11 -3.09 7.55
CA PRO A 186 -12.64 -1.74 7.37
C PRO A 186 -11.81 -0.82 6.46
N ASP A 187 -10.48 -0.97 6.48
CA ASP A 187 -9.60 -0.10 5.65
C ASP A 187 -8.23 -0.74 5.65
N GLY A 188 -7.37 -0.36 4.70
CA GLY A 188 -5.94 -0.70 4.83
C GLY A 188 -5.53 -1.88 3.99
N ASP A 189 -5.66 -1.75 2.66
CA ASP A 189 -5.28 -2.87 1.83
C ASP A 189 -3.80 -2.99 1.55
N VAL A 190 -3.03 -1.95 1.84
CA VAL A 190 -1.56 -2.10 1.72
C VAL A 190 -1.06 -3.10 2.78
N ALA A 191 -1.36 -2.83 4.06
CA ALA A 191 -0.92 -3.71 5.16
C ALA A 191 -1.51 -5.10 4.97
N ALA A 192 -2.79 -5.15 4.59
CA ALA A 192 -3.46 -6.45 4.45
C ALA A 192 -2.82 -7.27 3.32
N SER A 193 -2.36 -6.61 2.25
CA SER A 193 -1.76 -7.32 1.11
C SER A 193 -0.54 -8.08 1.55
N ILE A 194 0.21 -7.51 2.51
CA ILE A 194 1.45 -8.14 2.96
C ILE A 194 1.22 -9.45 3.76
N LEU A 195 0.06 -9.57 4.39
CA LEU A 195 -0.31 -10.76 5.16
C LEU A 195 -0.33 -12.06 4.32
N THR A 196 -0.53 -11.88 3.01
CA THR A 196 -0.43 -13.02 2.09
C THR A 196 0.95 -13.68 2.12
N CYS A 197 1.97 -12.91 2.51
CA CYS A 197 3.37 -13.37 2.57
C CYS A 197 3.83 -13.58 4.01
N MET A 198 2.90 -13.48 4.98
CA MET A 198 3.26 -13.61 6.40
C MET A 198 2.68 -14.96 6.84
N PRO A 199 3.56 -15.96 7.08
CA PRO A 199 3.12 -17.35 7.41
C PRO A 199 2.19 -17.48 8.62
N ASP A 200 2.35 -16.61 9.62
CA ASP A 200 1.56 -16.65 10.84
C ASP A 200 0.22 -15.92 10.70
N SER A 201 0.02 -15.25 9.56
CA SER A 201 -1.33 -14.74 9.27
C SER A 201 -2.07 -15.77 8.46
N GLU A 202 -3.30 -16.06 8.90
CA GLU A 202 -4.21 -16.99 8.20
C GLU A 202 -4.56 -16.51 6.79
N VAL A 203 -4.37 -15.21 6.51
CA VAL A 203 -4.61 -14.62 5.16
C VAL A 203 -3.71 -15.26 4.08
N ASP A 204 -4.38 -15.75 3.03
CA ASP A 204 -3.76 -16.41 1.86
C ASP A 204 -3.80 -15.51 0.62
N VAL A 205 -4.88 -14.74 0.47
CA VAL A 205 -5.13 -13.95 -0.74
C VAL A 205 -5.75 -12.62 -0.32
N LEU A 206 -5.43 -11.55 -1.04
CA LEU A 206 -6.25 -10.34 -0.96
C LEU A 206 -6.93 -10.19 -2.32
N TYR A 207 -8.20 -9.84 -2.29
CA TYR A 207 -8.93 -9.61 -3.53
C TYR A 207 -9.81 -8.41 -3.35
N GLY A 208 -9.98 -7.62 -4.39
CA GLY A 208 -11.01 -6.60 -4.38
C GLY A 208 -10.52 -5.26 -4.83
N ILE A 209 -11.45 -4.31 -4.92
CA ILE A 209 -11.20 -2.97 -5.46
C ILE A 209 -10.78 -2.00 -4.35
N GLY A 210 -9.60 -1.39 -4.53
CA GLY A 210 -9.03 -0.48 -3.54
C GLY A 210 -8.32 0.62 -4.29
N GLY A 211 -7.50 1.43 -3.59
CA GLY A 211 -6.87 2.58 -4.27
C GLY A 211 -5.80 2.11 -5.24
N ALA A 212 -5.73 2.73 -6.44
CA ALA A 212 -4.68 2.35 -7.39
C ALA A 212 -3.26 2.65 -6.84
N PRO A 213 -3.02 3.85 -6.30
CA PRO A 213 -1.63 4.09 -5.82
C PRO A 213 -1.26 3.10 -4.70
N GLU A 214 -2.21 2.81 -3.81
CA GLU A 214 -2.03 1.77 -2.77
C GLU A 214 -1.65 0.43 -3.46
N GLY A 215 -2.32 0.11 -4.59
CA GLY A 215 -2.04 -1.16 -5.29
C GLY A 215 -0.64 -1.19 -5.87
N VAL A 216 -0.16 -0.06 -6.37
CA VAL A 216 1.22 -0.01 -6.89
C VAL A 216 2.25 -0.19 -5.74
N VAL A 217 2.00 0.41 -4.58
CA VAL A 217 2.86 0.14 -3.39
C VAL A 217 2.87 -1.34 -3.02
N SER A 218 1.67 -1.93 -2.98
CA SER A 218 1.56 -3.38 -2.73
C SER A 218 2.34 -4.16 -3.77
N ALA A 219 2.28 -3.79 -5.06
CA ALA A 219 3.01 -4.52 -6.11
C ALA A 219 4.49 -4.49 -5.77
N ALA A 220 4.98 -3.33 -5.31
CA ALA A 220 6.41 -3.16 -5.01
C ALA A 220 6.84 -4.09 -3.90
N VAL A 221 6.06 -4.13 -2.82
CA VAL A 221 6.45 -4.94 -1.67
C VAL A 221 6.20 -6.45 -1.92
N ILE A 222 5.12 -6.78 -2.64
CA ILE A 222 4.81 -8.16 -2.98
C ILE A 222 5.94 -8.68 -3.89
N ARG A 223 6.38 -7.84 -4.82
CA ARG A 223 7.50 -8.26 -5.66
C ARG A 223 8.75 -8.54 -4.83
N ALA A 224 9.01 -7.67 -3.86
CA ALA A 224 10.19 -7.79 -3.00
C ALA A 224 10.11 -9.08 -2.19
N LEU A 225 8.88 -9.48 -1.82
CA LEU A 225 8.64 -10.72 -1.05
C LEU A 225 8.45 -11.96 -1.91
N ASP A 226 8.54 -11.79 -3.23
CA ASP A 226 8.35 -12.85 -4.22
C ASP A 226 6.95 -13.47 -4.25
N GLY A 227 5.93 -12.67 -4.00
CA GLY A 227 4.55 -13.12 -4.22
C GLY A 227 4.13 -12.76 -5.61
N ASP A 228 2.83 -12.59 -5.81
CA ASP A 228 2.32 -12.27 -7.14
C ASP A 228 1.10 -11.38 -6.96
N MET A 229 0.85 -10.58 -8.00
CA MET A 229 -0.29 -9.71 -8.00
C MET A 229 -0.72 -9.43 -9.44
N ASN A 230 -2.04 -9.30 -9.63
CA ASN A 230 -2.57 -8.63 -10.82
C ASN A 230 -3.43 -7.47 -10.36
N GLY A 231 -3.51 -6.46 -11.21
CA GLY A 231 -4.38 -5.31 -10.96
C GLY A 231 -5.15 -4.99 -12.22
N ARG A 232 -6.17 -4.16 -12.09
CA ARG A 232 -6.95 -3.73 -13.24
C ARG A 232 -7.53 -2.39 -12.83
N LEU A 233 -7.18 -1.32 -13.54
CA LEU A 233 -7.69 0.01 -13.20
C LEU A 233 -9.17 0.16 -13.58
N LEU A 234 -9.97 0.73 -12.68
CA LEU A 234 -11.41 0.95 -12.91
C LEU A 234 -11.86 2.36 -12.62
N ALA A 235 -12.59 2.95 -13.57
CA ALA A 235 -13.02 4.35 -13.47
C ALA A 235 -14.13 4.50 -12.44
N ARG A 236 -14.20 5.65 -11.78
CA ARG A 236 -15.08 5.83 -10.61
C ARG A 236 -16.53 5.38 -10.84
N HIS A 237 -17.16 5.91 -11.88
CA HIS A 237 -18.53 5.51 -12.22
C HIS A 237 -18.70 4.00 -12.46
N ASP A 238 -17.63 3.31 -12.86
CA ASP A 238 -17.68 1.85 -13.03
C ASP A 238 -17.58 1.06 -11.72
N VAL A 239 -17.23 1.73 -10.62
CA VAL A 239 -17.19 1.05 -9.32
C VAL A 239 -18.26 1.55 -8.32
N LYS A 240 -18.57 2.85 -8.38
CA LYS A 240 -19.58 3.42 -7.49
C LYS A 240 -20.99 3.49 -8.11
N GLY A 241 -21.09 3.52 -9.43
CA GLY A 241 -22.40 3.70 -10.08
C GLY A 241 -22.42 4.97 -10.91
N ASP A 242 -23.30 4.98 -11.91
CA ASP A 242 -23.16 5.88 -13.07
C ASP A 242 -23.32 7.40 -12.86
N ASN A 243 -23.88 7.81 -11.72
CA ASN A 243 -24.08 9.24 -11.47
C ASN A 243 -22.80 10.08 -11.63
N GLU A 245 -21.87 12.76 -10.23
CA GLU A 245 -20.52 13.27 -10.40
C GLU A 245 -19.45 12.16 -10.43
N ASN A 246 -19.86 10.90 -10.27
CA ASN A 246 -18.94 9.77 -10.44
C ASN A 246 -18.45 9.71 -11.89
N ARG A 247 -19.40 9.85 -12.83
CA ARG A 247 -19.10 9.90 -14.27
C ARG A 247 -18.09 10.99 -14.59
N ARG A 248 -18.24 12.14 -13.93
CA ARG A 248 -17.36 13.28 -14.15
C ARG A 248 -15.93 12.93 -13.70
N ILE A 249 -15.83 12.42 -12.48
CA ILE A 249 -14.55 11.98 -11.92
C ILE A 249 -13.97 10.86 -12.78
N GLY A 250 -14.82 9.88 -13.09
CA GLY A 250 -14.46 8.75 -13.92
C GLY A 250 -13.80 9.12 -15.25
N GLU A 251 -14.37 10.12 -15.94
CA GLU A 251 -13.82 10.55 -17.23
C GLU A 251 -12.48 11.25 -17.10
N GLN A 252 -12.28 12.04 -16.06
CA GLN A 252 -10.97 12.62 -15.78
C GLN A 252 -9.95 11.49 -15.67
N GLU A 253 -10.33 10.45 -14.91
CA GLU A 253 -9.47 9.29 -14.67
C GLU A 253 -9.09 8.57 -15.99
N LEU A 254 -10.07 8.34 -16.86
CA LEU A 254 -9.81 7.65 -18.13
C LEU A 254 -8.97 8.47 -19.10
N ALA A 255 -9.21 9.77 -19.13
CA ALA A 255 -8.41 10.69 -19.95
C ALA A 255 -6.96 10.72 -19.44
N ARG A 256 -6.80 10.62 -18.12
CA ARG A 256 -5.49 10.56 -17.48
C ARG A 256 -4.75 9.26 -17.81
N CYS A 257 -5.43 8.12 -17.66
CA CYS A 257 -4.89 6.86 -18.15
C CYS A 257 -4.30 6.98 -19.58
N LYS A 258 -5.06 7.54 -20.51
CA LYS A 258 -4.54 7.77 -21.87
C LYS A 258 -3.32 8.68 -21.92
N ALA A 259 -3.40 9.83 -21.24
CA ALA A 259 -2.28 10.78 -21.16
C ALA A 259 -0.98 10.14 -20.64
N MET A 260 -1.09 9.29 -19.62
CA MET A 260 0.07 8.60 -19.07
C MET A 260 0.41 7.34 -19.89
N GLY A 261 -0.39 7.07 -20.93
CA GLY A 261 -0.17 5.93 -21.80
C GLY A 261 -0.48 4.59 -21.15
N ILE A 262 -1.50 4.57 -20.29
CA ILE A 262 -1.94 3.36 -19.58
C ILE A 262 -3.31 2.94 -20.12
N GLU A 263 -3.51 1.63 -20.23
CA GLU A 263 -4.82 1.11 -20.63
C GLU A 263 -5.63 0.76 -19.39
N ALA A 264 -6.74 1.47 -19.20
CA ALA A 264 -7.65 1.15 -18.09
C ALA A 264 -8.50 -0.06 -18.48
N GLY A 265 -8.86 -0.87 -17.48
CA GLY A 265 -9.64 -2.08 -17.71
C GLY A 265 -8.83 -3.26 -18.22
N LYS A 266 -7.57 -3.02 -18.59
CA LYS A 266 -6.64 -4.08 -19.00
C LYS A 266 -5.93 -4.64 -17.76
N VAL A 267 -5.69 -5.96 -17.74
CA VAL A 267 -5.06 -6.63 -16.58
C VAL A 267 -3.58 -6.24 -16.55
N LEU A 268 -3.13 -5.76 -15.38
CA LEU A 268 -1.72 -5.40 -15.15
C LEU A 268 -1.10 -6.57 -14.41
N ARG A 269 0.00 -7.08 -14.93
CA ARG A 269 0.74 -8.14 -14.24
C ARG A 269 1.66 -7.52 -13.22
N LEU A 270 2.19 -8.34 -12.32
CA LEU A 270 3.04 -7.79 -11.27
C LEU A 270 4.07 -6.77 -11.80
N GLY A 271 4.82 -7.20 -12.83
CA GLY A 271 5.89 -6.39 -13.47
C GLY A 271 5.43 -5.17 -14.26
N ASP A 272 4.12 -5.06 -14.47
CA ASP A 272 3.53 -3.86 -15.04
C ASP A 272 3.37 -2.72 -14.03
N MET A 273 3.40 -3.06 -12.74
CA MET A 273 3.18 -2.11 -11.63
C MET A 273 4.47 -1.84 -10.84
N ALA A 274 5.25 -2.88 -10.58
CA ALA A 274 6.55 -2.75 -9.94
C ALA A 274 7.59 -3.41 -10.87
N ARG A 275 8.40 -2.56 -11.48
CA ARG A 275 9.18 -2.97 -12.65
C ARG A 275 10.53 -3.54 -12.35
N SER A 276 10.99 -3.42 -11.12
CA SER A 276 12.27 -4.03 -10.78
C SER A 276 12.32 -4.51 -9.35
N ASP A 277 13.33 -5.34 -9.07
CA ASP A 277 13.49 -5.90 -7.71
C ASP A 277 14.12 -4.93 -6.72
N ASN A 278 14.63 -3.79 -7.21
CA ASN A 278 15.41 -2.88 -6.37
C ASN A 278 14.47 -1.97 -5.65
N VAL A 279 13.79 -2.50 -4.65
CA VAL A 279 12.80 -1.71 -3.91
C VAL A 279 13.13 -1.82 -2.42
N ILE A 280 13.03 -0.71 -1.70
CA ILE A 280 13.06 -0.73 -0.25
C ILE A 280 11.68 -0.30 0.24
N PHE A 281 11.09 -1.09 1.13
CA PHE A 281 9.77 -0.80 1.65
C PHE A 281 9.92 -0.66 3.17
N SER A 282 9.35 0.41 3.71
CA SER A 282 9.39 0.63 5.16
C SER A 282 7.98 0.95 5.66
N ALA A 283 7.54 0.31 6.72
CA ALA A 283 6.25 0.72 7.32
C ALA A 283 6.39 0.74 8.83
N THR A 284 5.82 1.76 9.49
CA THR A 284 5.93 1.82 10.97
C THR A 284 4.49 1.87 11.55
N GLY A 285 4.23 1.08 12.57
CA GLY A 285 2.90 1.06 13.18
C GLY A 285 2.57 2.37 13.85
N ILE A 286 1.32 2.79 13.73
CA ILE A 286 0.78 3.88 14.55
C ILE A 286 -0.06 3.28 15.69
N THR A 287 -1.05 2.47 15.33
CA THR A 287 -1.79 1.65 16.31
C THR A 287 -1.53 0.20 16.00
N LYS A 288 -1.72 -0.68 16.97
CA LYS A 288 -1.47 -2.10 16.76
C LYS A 288 -2.38 -2.61 15.66
N GLY A 289 -1.84 -3.41 14.75
CA GLY A 289 -2.71 -4.03 13.75
C GLY A 289 -2.22 -5.43 13.43
N ASP A 290 -2.75 -6.04 12.37
CA ASP A 290 -2.36 -7.41 11.98
C ASP A 290 -0.89 -7.47 11.55
N LEU A 291 -0.37 -6.34 11.07
CA LEU A 291 0.99 -6.35 10.56
C LEU A 291 2.03 -5.88 11.57
N LEU A 292 1.72 -4.81 12.31
CA LEU A 292 2.74 -4.14 13.15
C LEU A 292 2.21 -3.78 14.54
N GLU A 293 3.09 -3.72 15.53
CA GLU A 293 2.76 -3.17 16.83
C GLU A 293 2.53 -1.66 16.71
N GLY A 294 1.70 -1.09 17.59
CA GLY A 294 1.48 0.35 17.65
C GLY A 294 2.55 1.04 18.52
N ILE A 295 2.56 2.36 18.46
CA ILE A 295 3.41 3.19 19.32
C ILE A 295 2.94 3.08 20.75
N SER A 296 3.88 2.99 21.70
CA SER A 296 3.54 3.22 23.10
C SER A 296 4.37 4.37 23.62
N ARG A 297 3.90 5.01 24.69
CA ARG A 297 4.68 6.08 25.28
C ARG A 297 4.50 5.99 26.77
N LYS A 298 5.62 6.09 27.48
CA LYS A 298 5.58 6.12 28.94
C LYS A 298 6.57 7.19 29.32
N GLY A 299 6.04 8.33 29.76
CA GLY A 299 6.87 9.49 30.09
C GLY A 299 7.47 10.04 28.83
N ASN A 300 8.80 10.09 28.79
CA ASN A 300 9.55 10.66 27.68
C ASN A 300 10.10 9.58 26.73
N ILE A 301 9.73 8.31 26.96
CA ILE A 301 10.17 7.22 26.06
C ILE A 301 9.01 6.70 25.23
N ALA A 302 9.22 6.63 23.92
CA ALA A 302 8.22 6.07 23.01
C ALA A 302 8.83 4.87 22.28
N THR A 303 7.98 3.93 21.87
CA THR A 303 8.49 2.77 21.14
C THR A 303 7.79 2.71 19.80
N THR A 304 8.52 2.28 18.77
CA THR A 304 7.88 1.98 17.48
C THR A 304 8.33 0.61 17.00
N GLU A 305 7.53 0.01 16.12
CA GLU A 305 7.95 -1.15 15.36
C GLU A 305 7.88 -0.83 13.87
N THR A 306 8.96 -1.17 13.16
CA THR A 306 9.06 -0.89 11.72
C THR A 306 9.36 -2.19 10.99
N LEU A 307 8.62 -2.42 9.91
CA LEU A 307 8.89 -3.56 8.99
C LEU A 307 9.71 -2.98 7.84
N LEU A 308 10.90 -3.56 7.60
CA LEU A 308 11.80 -3.05 6.57
C LEU A 308 12.21 -4.19 5.63
N ILE A 309 11.87 -4.04 4.36
CA ILE A 309 11.96 -5.12 3.37
C ILE A 309 12.79 -4.58 2.21
N ARG A 310 13.76 -5.37 1.75
CA ARG A 310 14.55 -4.95 0.58
C ARG A 310 14.44 -6.04 -0.46
N GLY A 311 14.09 -5.65 -1.68
CA GLY A 311 13.86 -6.62 -2.75
C GLY A 311 15.12 -7.36 -3.17
N LYS A 312 16.28 -6.70 -3.07
CA LYS A 312 17.53 -7.35 -3.50
C LYS A 312 17.75 -8.60 -2.64
N SER A 313 17.72 -8.40 -1.33
CA SER A 313 18.10 -9.43 -0.39
C SER A 313 16.88 -10.24 -0.03
N THR A 315 16.83 -11.15 3.59
CA THR A 315 16.29 -10.90 4.93
C THR A 315 15.24 -9.77 5.02
N ILE A 316 14.24 -10.03 5.88
CA ILE A 316 13.13 -9.15 6.21
C ILE A 316 13.39 -8.74 7.65
N ARG A 317 13.26 -7.46 7.97
CA ARG A 317 13.60 -6.97 9.33
C ARG A 317 12.40 -6.34 10.00
N ARG A 318 12.25 -6.63 11.30
CA ARG A 318 11.31 -5.91 12.14
C ARG A 318 12.17 -5.21 13.17
N ILE A 319 12.07 -3.88 13.16
CA ILE A 319 12.97 -3.09 13.97
C ILE A 319 12.15 -2.50 15.11
N GLN A 320 12.44 -2.94 16.33
CA GLN A 320 11.78 -2.38 17.54
C GLN A 320 12.69 -1.31 18.09
N SER A 321 12.27 -0.06 18.00
CA SER A 321 13.07 1.04 18.50
C SER A 321 12.48 1.65 19.80
N ILE A 322 13.38 2.12 20.63
CA ILE A 322 13.01 2.89 21.81
C ILE A 322 13.55 4.27 21.53
N HIS A 323 12.68 5.29 21.58
CA HIS A 323 13.02 6.67 21.28
C HIS A 323 12.96 7.55 22.54
N TYR A 324 14.01 8.35 22.77
CA TYR A 324 14.13 9.19 23.98
C TYR A 324 13.84 10.63 23.67
P1 FBP B . -7.83 5.87 4.60
O1P FBP B . -7.87 6.71 3.30
O2P FBP B . -6.44 6.08 5.16
O3P FBP B . -8.80 6.30 5.71
O1 FBP B . -8.02 4.34 4.18
C1 FBP B . -7.00 3.69 3.47
C2 FBP B . -7.67 2.77 2.45
O2 FBP B . -8.54 1.80 3.12
C3 FBP B . -6.62 2.06 1.61
O3 FBP B . -5.96 0.98 2.27
C4 FBP B . -7.46 1.61 0.41
O4 FBP B . -6.73 1.29 -0.78
C5 FBP B . -8.40 2.80 0.24
O5 FBP B . -8.39 3.50 1.48
C6 FBP B . -9.81 2.32 -0.10
O6 FBP B . -10.57 3.45 -0.49
P2 FBP B . -12.12 3.62 -0.07
O4P FBP B . -12.76 2.27 -0.17
O5P FBP B . -12.19 4.05 1.37
O6P FBP B . -12.72 4.69 -0.97
CA CA C . -3.69 5.62 1.38
MG MG D . -11.91 6.00 2.25
CL CL E . -18.14 1.17 -2.16
CA CA F . -2.87 11.05 2.53
MG MG G . -0.71 -15.23 5.60
#